data_9JMX
#
_entry.id   9JMX
#
_cell.length_a   78.753
_cell.length_b   78.753
_cell.length_c   160.405
_cell.angle_alpha   90.00
_cell.angle_beta   90.00
_cell.angle_gamma   120.00
#
_symmetry.space_group_name_H-M   'P 31 2 1'
#
loop_
_entity.id
_entity.type
_entity.pdbx_description
1 polymer '3-hydroxyisobutyrate dehydrogenase-like beta-hydroxyacid dehydrogenase'
2 non-polymer 'NADP NICOTINAMIDE-ADENINE-DINUCLEOTIDE PHOSPHATE'
3 non-polymer 1-~{tert}-butyl-4,9-dihydro-3~{H}-pyrido[3,4-b]indole
4 water water
#
_entity_poly.entity_id   1
_entity_poly.type   'polypeptide(L)'
_entity_poly.pdbx_seq_one_letter_code
;MTSATVIGLGPMGQAMVRVLLEHGTAVTVWNRTKSRADDVVARGAVLAGTPAEALKAAGLVILSLTDYQAMYDVLGDAGE
ALAGRVVVNLSSDTPQRTREAAAWLAKRGATLVAGGIMVPAPLVGAEASYVFYSGPRDVFAEHEPVLRHIGRPEYLGEDH
GLAQLFYQAELTVFLTSLSAYLQAFALLAAEGADPARLVPFAREVSGLAASYLDETVSQTRARAYPGDLSTATMAGATAE
HILQACRDAGVDLALPEAVKSQYDRAIAAGHGGDNWTSLWEVVAKR
;
_entity_poly.pdbx_strand_id   A,B
#
loop_
_chem_comp.id
_chem_comp.type
_chem_comp.name
_chem_comp.formula
A1ECB non-polymer 1-~{tert}-butyl-4,9-dihydro-3~{H}-pyrido[3,4-b]indole 'C15 H18 N2'
NAP non-polymer 'NADP NICOTINAMIDE-ADENINE-DINUCLEOTIDE PHOSPHATE' 'C21 H28 N7 O17 P3'
#
# COMPACT_ATOMS: atom_id res chain seq x y z
N THR A 2 35.33 -0.04 22.06
CA THR A 2 34.07 -0.07 22.85
C THR A 2 33.50 -1.49 22.93
N SER A 3 32.66 -1.71 23.95
CA SER A 3 31.88 -2.96 24.14
C SER A 3 30.38 -2.68 23.96
N ALA A 4 29.67 -3.55 23.25
CA ALA A 4 28.20 -3.53 23.14
C ALA A 4 27.66 -4.91 23.49
N THR A 5 26.44 -4.97 24.03
CA THR A 5 25.68 -6.24 24.16
C THR A 5 24.51 -6.25 23.16
N VAL A 6 24.33 -7.34 22.44
CA VAL A 6 23.16 -7.59 21.56
C VAL A 6 22.41 -8.81 22.08
N ILE A 7 21.18 -8.60 22.53
CA ILE A 7 20.23 -9.68 22.89
C ILE A 7 19.17 -9.82 21.78
N GLY A 8 19.12 -11.00 21.15
CA GLY A 8 18.21 -11.34 20.06
C GLY A 8 19.00 -11.52 18.77
N LEU A 9 19.11 -12.75 18.27
CA LEU A 9 19.94 -13.04 17.09
C LEU A 9 19.05 -13.57 15.98
N GLY A 10 17.93 -12.86 15.74
CA GLY A 10 17.19 -12.97 14.47
C GLY A 10 18.07 -12.40 13.36
N PRO A 11 17.61 -12.35 12.09
CA PRO A 11 18.40 -11.73 11.03
C PRO A 11 18.81 -10.29 11.34
N MET A 12 17.99 -9.52 12.04
CA MET A 12 18.35 -8.12 12.36
C MET A 12 19.45 -8.10 13.42
N GLY A 13 19.34 -8.95 14.45
CA GLY A 13 20.33 -9.05 15.53
C GLY A 13 21.69 -9.47 14.97
N GLN A 14 21.69 -10.49 14.12
CA GLN A 14 22.94 -11.02 13.53
C GLN A 14 23.60 -9.96 12.65
N ALA A 15 22.83 -9.19 11.89
CA ALA A 15 23.35 -8.15 10.98
C ALA A 15 24.00 -7.06 11.84
N MET A 16 23.36 -6.71 12.96
CA MET A 16 23.84 -5.63 13.85
C MET A 16 25.15 -6.04 14.51
N VAL A 17 25.27 -7.32 14.88
CA VAL A 17 26.47 -7.90 15.53
C VAL A 17 27.61 -7.84 14.50
N ARG A 18 27.37 -8.37 13.29
CA ARG A 18 28.39 -8.44 12.20
C ARG A 18 28.87 -7.04 11.83
N VAL A 19 27.99 -6.04 11.86
CA VAL A 19 28.33 -4.60 11.60
C VAL A 19 29.20 -4.07 12.75
N LEU A 20 28.74 -4.20 14.00
CA LEU A 20 29.48 -3.59 15.14
C LEU A 20 30.85 -4.28 15.28
N LEU A 21 30.95 -5.59 15.03
CA LEU A 21 32.24 -6.35 15.01
C LEU A 21 33.18 -5.70 13.98
N GLU A 22 32.76 -5.65 12.70
CA GLU A 22 33.55 -5.12 11.55
C GLU A 22 34.01 -3.70 11.86
N HIS A 23 33.28 -2.93 12.66
CA HIS A 23 33.69 -1.55 13.07
C HIS A 23 34.49 -1.64 14.37
N GLY A 24 34.96 -2.84 14.71
CA GLY A 24 35.85 -3.08 15.87
C GLY A 24 35.22 -2.67 17.18
N THR A 25 33.94 -3.00 17.41
CA THR A 25 33.32 -3.05 18.75
C THR A 25 33.47 -4.48 19.29
N ALA A 26 33.62 -4.62 20.61
CA ALA A 26 33.71 -5.92 21.32
C ALA A 26 32.30 -6.37 21.69
N VAL A 27 31.73 -7.33 20.98
CA VAL A 27 30.27 -7.61 21.10
C VAL A 27 30.06 -8.92 21.88
N THR A 28 29.27 -8.78 22.96
CA THR A 28 28.69 -9.89 23.75
C THR A 28 27.27 -10.15 23.23
N VAL A 29 26.95 -11.41 22.92
CA VAL A 29 25.58 -11.82 22.48
C VAL A 29 24.98 -12.81 23.47
N TRP A 30 23.67 -12.69 23.71
CA TRP A 30 22.81 -13.80 24.18
C TRP A 30 21.67 -14.01 23.18
N ASN A 31 21.24 -15.26 23.00
CA ASN A 31 20.00 -15.66 22.28
C ASN A 31 19.27 -16.71 23.10
N ARG A 32 17.93 -16.75 23.03
CA ARG A 32 17.09 -17.83 23.60
C ARG A 32 17.54 -19.16 22.97
N THR A 33 17.73 -19.20 21.65
CA THR A 33 18.20 -20.40 20.90
C THR A 33 19.70 -20.26 20.69
N LYS A 34 20.49 -20.89 21.55
CA LYS A 34 21.96 -20.65 21.67
C LYS A 34 22.66 -20.99 20.35
N SER A 35 22.20 -22.00 19.64
CA SER A 35 22.78 -22.48 18.35
C SER A 35 22.86 -21.33 17.32
N ARG A 36 21.92 -20.38 17.34
CA ARG A 36 21.85 -19.32 16.29
C ARG A 36 22.99 -18.31 16.51
N ALA A 37 23.78 -18.46 17.58
CA ALA A 37 24.94 -17.59 17.87
C ALA A 37 26.17 -18.09 17.12
N ASP A 38 26.11 -19.27 16.51
CA ASP A 38 27.28 -19.97 15.92
C ASP A 38 28.00 -19.06 14.93
N ASP A 39 27.26 -18.42 14.02
CA ASP A 39 27.84 -17.51 13.00
C ASP A 39 28.60 -16.38 13.68
N VAL A 40 27.94 -15.58 14.53
CA VAL A 40 28.51 -14.31 15.06
C VAL A 40 29.64 -14.64 16.06
N VAL A 41 29.67 -15.87 16.57
CA VAL A 41 30.73 -16.34 17.52
C VAL A 41 32.02 -16.64 16.72
N ALA A 42 31.90 -17.32 15.58
CA ALA A 42 32.98 -17.50 14.60
C ALA A 42 33.61 -16.14 14.21
N ARG A 43 32.85 -15.03 14.26
CA ARG A 43 33.33 -13.68 13.88
C ARG A 43 33.82 -12.94 15.13
N GLY A 44 33.83 -13.60 16.30
CA GLY A 44 34.45 -13.09 17.52
C GLY A 44 33.47 -12.35 18.42
N ALA A 45 32.16 -12.53 18.22
CA ALA A 45 31.17 -12.19 19.25
C ALA A 45 31.41 -13.13 20.43
N VAL A 46 31.25 -12.65 21.65
CA VAL A 46 31.29 -13.49 22.88
C VAL A 46 29.85 -13.90 23.23
N LEU A 47 29.60 -15.22 23.37
CA LEU A 47 28.30 -15.80 23.82
C LEU A 47 28.20 -15.83 25.35
N ALA A 48 27.26 -15.08 25.93
CA ALA A 48 26.91 -15.08 27.37
C ALA A 48 25.99 -16.28 27.66
N GLY A 49 26.06 -16.83 28.87
CA GLY A 49 25.26 -17.99 29.29
C GLY A 49 23.82 -17.55 29.53
N THR A 50 23.64 -16.42 30.21
CA THR A 50 22.33 -15.89 30.65
C THR A 50 22.18 -14.45 30.15
N PRO A 51 20.94 -13.91 30.10
CA PRO A 51 20.70 -12.48 29.90
C PRO A 51 21.48 -11.60 30.89
N ALA A 52 21.46 -11.93 32.19
CA ALA A 52 22.08 -11.09 33.25
C ALA A 52 23.59 -10.97 32.99
N GLU A 53 24.22 -12.06 32.52
CA GLU A 53 25.65 -12.12 32.11
C GLU A 53 25.87 -11.14 30.96
N ALA A 54 25.05 -11.22 29.92
CA ALA A 54 25.11 -10.34 28.74
C ALA A 54 25.07 -8.88 29.19
N LEU A 55 24.15 -8.54 30.10
CA LEU A 55 23.95 -7.14 30.59
C LEU A 55 25.24 -6.62 31.26
N LYS A 56 25.97 -7.50 31.96
CA LYS A 56 27.18 -7.13 32.74
C LYS A 56 28.36 -6.86 31.78
N ALA A 57 28.32 -7.38 30.55
CA ALA A 57 29.46 -7.35 29.60
C ALA A 57 29.56 -6.00 28.88
N ALA A 58 28.62 -5.07 29.09
CA ALA A 58 28.64 -3.75 28.44
C ALA A 58 27.61 -2.80 29.08
N GLY A 59 27.86 -1.49 28.96
CA GLY A 59 26.95 -0.40 29.32
C GLY A 59 25.93 -0.11 28.23
N LEU A 60 26.20 -0.57 26.99
CA LEU A 60 25.26 -0.44 25.85
C LEU A 60 24.65 -1.81 25.51
N VAL A 61 23.33 -1.93 25.72
CA VAL A 61 22.57 -3.20 25.51
C VAL A 61 21.48 -2.94 24.47
N ILE A 62 21.66 -3.54 23.31
CA ILE A 62 20.74 -3.45 22.14
C ILE A 62 19.87 -4.70 22.18
N LEU A 63 18.55 -4.53 22.24
CA LEU A 63 17.59 -5.68 22.09
C LEU A 63 16.99 -5.62 20.68
N SER A 64 17.05 -6.76 19.99
CA SER A 64 16.37 -7.03 18.71
C SER A 64 15.51 -8.28 18.91
N LEU A 65 14.36 -8.11 19.55
CA LEU A 65 13.39 -9.21 19.84
C LEU A 65 12.09 -8.99 19.04
N THR A 66 11.20 -9.99 19.03
CA THR A 66 9.91 -9.93 18.27
C THR A 66 9.01 -8.84 18.87
N ASP A 67 9.01 -8.66 20.19
CA ASP A 67 8.14 -7.63 20.83
C ASP A 67 8.76 -7.24 22.17
N TYR A 68 8.12 -6.32 22.89
CA TYR A 68 8.64 -5.83 24.19
C TYR A 68 8.38 -6.89 25.26
N GLN A 69 7.34 -7.71 25.12
CA GLN A 69 7.13 -8.84 26.07
C GLN A 69 8.39 -9.73 26.09
N ALA A 70 9.05 -9.99 24.97
CA ALA A 70 10.28 -10.82 24.98
C ALA A 70 11.34 -10.17 25.88
N MET A 71 11.38 -8.85 25.96
CA MET A 71 12.34 -8.11 26.83
C MET A 71 12.02 -8.45 28.28
N TYR A 72 10.74 -8.34 28.67
CA TYR A 72 10.29 -8.68 30.04
C TYR A 72 10.60 -10.16 30.29
N ASP A 73 10.37 -11.02 29.30
CA ASP A 73 10.59 -12.47 29.51
C ASP A 73 12.07 -12.72 29.78
N VAL A 74 12.97 -11.99 29.10
CA VAL A 74 14.44 -12.28 29.01
C VAL A 74 15.17 -11.59 30.17
N LEU A 75 14.71 -10.41 30.58
CA LEU A 75 15.38 -9.50 31.54
C LEU A 75 14.62 -9.42 32.87
N GLY A 76 13.42 -9.99 32.97
CA GLY A 76 12.60 -9.92 34.20
C GLY A 76 13.38 -10.40 35.42
N ASP A 77 14.30 -11.33 35.20
CA ASP A 77 15.06 -12.11 36.20
C ASP A 77 16.41 -11.44 36.50
N ALA A 78 16.78 -10.38 35.78
CA ALA A 78 18.18 -9.88 35.74
C ALA A 78 18.48 -9.04 37.00
N GLY A 79 17.44 -8.55 37.67
CA GLY A 79 17.57 -7.74 38.89
C GLY A 79 18.51 -6.57 38.69
N GLU A 80 19.68 -6.61 39.36
CA GLU A 80 20.61 -5.44 39.52
C GLU A 80 21.66 -5.44 38.41
N ALA A 81 21.73 -6.48 37.58
CA ALA A 81 22.43 -6.47 36.26
C ALA A 81 21.91 -5.33 35.37
N LEU A 82 20.70 -4.81 35.61
CA LEU A 82 20.09 -3.76 34.76
C LEU A 82 20.60 -2.37 35.16
N ALA A 83 20.97 -2.16 36.43
CA ALA A 83 21.32 -0.82 36.98
C ALA A 83 22.47 -0.19 36.18
N GLY A 84 22.29 1.08 35.82
CA GLY A 84 23.28 1.88 35.08
C GLY A 84 23.34 1.55 33.60
N ARG A 85 22.63 0.53 33.10
CA ARG A 85 22.68 0.12 31.66
C ARG A 85 21.85 1.05 30.77
N VAL A 86 22.31 1.20 29.53
CA VAL A 86 21.53 1.86 28.45
C VAL A 86 20.89 0.73 27.66
N VAL A 87 19.57 0.59 27.76
CA VAL A 87 18.86 -0.42 26.92
C VAL A 87 18.37 0.31 25.67
N VAL A 88 18.92 -0.07 24.52
CA VAL A 88 18.50 0.43 23.18
C VAL A 88 17.57 -0.64 22.60
N ASN A 89 16.27 -0.44 22.72
CA ASN A 89 15.31 -1.48 22.31
C ASN A 89 14.90 -1.15 20.87
N LEU A 90 15.35 -1.99 19.93
CA LEU A 90 15.06 -1.88 18.47
C LEU A 90 14.03 -2.95 18.08
N SER A 91 13.02 -3.16 18.93
CA SER A 91 11.95 -4.19 18.76
C SER A 91 10.63 -3.48 18.46
N SER A 92 9.75 -4.13 17.69
CA SER A 92 8.37 -3.67 17.41
C SER A 92 7.51 -3.81 18.68
N ASP A 93 6.65 -2.84 18.96
CA ASP A 93 5.58 -2.95 19.98
C ASP A 93 4.75 -1.68 19.88
N THR A 94 3.81 -1.47 20.78
CA THR A 94 2.99 -0.24 20.73
C THR A 94 3.77 0.89 21.38
N PRO A 95 3.48 2.15 20.98
CA PRO A 95 3.94 3.31 21.75
C PRO A 95 3.67 3.18 23.27
N GLN A 96 2.44 2.85 23.69
CA GLN A 96 2.10 2.79 25.15
C GLN A 96 2.96 1.75 25.86
N ARG A 97 3.21 0.59 25.28
CA ARG A 97 4.06 -0.45 25.92
C ARG A 97 5.53 -0.01 25.95
N THR A 98 5.95 0.80 24.97
CA THR A 98 7.32 1.40 24.95
C THR A 98 7.45 2.37 26.14
N ARG A 99 6.46 3.25 26.35
CA ARG A 99 6.44 4.21 27.48
C ARG A 99 6.44 3.44 28.81
N GLU A 100 5.57 2.45 28.98
CA GLU A 100 5.57 1.55 30.17
C GLU A 100 6.97 0.97 30.37
N ALA A 101 7.60 0.48 29.30
CA ALA A 101 8.89 -0.21 29.37
C ALA A 101 9.95 0.75 29.94
N ALA A 102 9.96 2.03 29.54
CA ALA A 102 10.91 3.05 30.05
C ALA A 102 10.77 3.20 31.57
N ALA A 103 9.53 3.31 32.08
CA ALA A 103 9.22 3.38 33.53
C ALA A 103 9.77 2.11 34.18
N TRP A 104 9.42 0.95 33.62
CA TRP A 104 9.85 -0.36 34.16
C TRP A 104 11.36 -0.33 34.30
N LEU A 105 12.06 0.00 33.22
CA LEU A 105 13.54 -0.07 33.17
C LEU A 105 14.14 0.98 34.11
N ALA A 106 13.44 2.12 34.29
CA ALA A 106 13.86 3.29 35.11
C ALA A 106 13.69 2.96 36.61
N LYS A 107 12.86 1.99 36.96
CA LYS A 107 12.68 1.52 38.35
C LYS A 107 13.87 0.62 38.69
N ARG A 108 14.47 -0.06 37.71
CA ARG A 108 15.64 -0.95 37.89
C ARG A 108 16.93 -0.18 37.54
N GLY A 109 16.84 1.14 37.44
CA GLY A 109 18.00 2.02 37.26
C GLY A 109 18.65 1.82 35.89
N ALA A 110 17.85 1.53 34.86
CA ALA A 110 18.29 1.43 33.44
C ALA A 110 17.62 2.53 32.62
N THR A 111 18.31 2.99 31.59
CA THR A 111 17.80 4.02 30.65
C THR A 111 17.27 3.35 29.38
N LEU A 112 16.07 3.72 28.95
CA LEU A 112 15.56 3.20 27.65
C LEU A 112 15.87 4.26 26.59
N VAL A 113 16.51 3.84 25.51
CA VAL A 113 16.41 4.51 24.18
C VAL A 113 15.62 3.60 23.23
N ALA A 114 14.44 4.02 22.80
CA ALA A 114 13.57 3.25 21.87
C ALA A 114 14.06 3.50 20.44
N GLY A 115 14.17 2.45 19.65
CA GLY A 115 14.43 2.62 18.21
C GLY A 115 13.62 1.71 17.31
N GLY A 116 13.61 2.04 16.01
CA GLY A 116 13.08 1.19 14.95
C GLY A 116 13.96 1.29 13.73
N ILE A 117 14.49 0.15 13.30
CA ILE A 117 15.36 0.04 12.09
C ILE A 117 14.44 -0.03 10.87
N MET A 118 14.63 0.85 9.87
CA MET A 118 13.67 1.05 8.75
C MET A 118 14.11 0.36 7.45
N VAL A 119 14.97 -0.64 7.53
CA VAL A 119 15.48 -1.44 6.39
C VAL A 119 15.56 -2.89 6.82
N PRO A 120 15.45 -3.83 5.86
CA PRO A 120 15.70 -5.24 6.14
C PRO A 120 17.18 -5.55 6.46
N ALA A 121 17.42 -6.77 6.91
CA ALA A 121 18.71 -7.20 7.49
C ALA A 121 19.85 -7.01 6.49
N PRO A 122 19.74 -7.40 5.19
CA PRO A 122 20.86 -7.22 4.26
C PRO A 122 21.21 -5.74 4.03
N LEU A 123 20.41 -4.79 4.51
CA LEU A 123 20.74 -3.36 4.33
C LEU A 123 21.20 -2.76 5.65
N VAL A 124 21.29 -3.58 6.70
CA VAL A 124 21.76 -3.05 8.00
C VAL A 124 23.20 -2.56 7.76
N GLY A 125 23.50 -1.33 8.17
CA GLY A 125 24.81 -0.68 8.00
C GLY A 125 25.14 -0.36 6.54
N ALA A 126 24.17 -0.42 5.62
CA ALA A 126 24.28 0.12 4.25
C ALA A 126 23.85 1.59 4.29
N GLU A 127 24.14 2.28 3.19
CA GLU A 127 23.85 3.72 3.02
C GLU A 127 22.36 3.98 3.21
N ALA A 128 21.53 3.04 2.77
CA ALA A 128 20.05 3.12 2.78
C ALA A 128 19.53 3.08 4.22
N SER A 129 20.31 2.47 5.13
CA SER A 129 19.94 2.16 6.53
C SER A 129 19.70 3.46 7.30
N TYR A 130 18.56 3.56 7.97
CA TYR A 130 18.25 4.61 8.94
C TYR A 130 17.43 3.98 10.07
N VAL A 131 17.49 4.57 11.26
CA VAL A 131 16.87 4.05 12.51
C VAL A 131 16.25 5.24 13.23
N PHE A 132 14.94 5.20 13.52
CA PHE A 132 14.30 6.18 14.44
C PHE A 132 14.82 5.92 15.85
N TYR A 133 15.00 6.96 16.64
CA TYR A 133 15.42 6.81 18.06
C TYR A 133 14.61 7.81 18.84
N SER A 134 14.29 7.49 20.09
CA SER A 134 13.64 8.45 21.02
C SER A 134 13.87 8.02 22.47
N GLY A 135 13.65 8.93 23.42
CA GLY A 135 14.15 8.82 24.81
C GLY A 135 15.18 9.92 25.10
N PRO A 136 15.98 9.81 26.18
CA PRO A 136 16.88 10.90 26.60
C PRO A 136 18.03 11.16 25.61
N ARG A 137 18.05 12.37 25.06
CA ARG A 137 19.01 12.86 24.00
C ARG A 137 20.47 12.67 24.45
N ASP A 138 20.83 13.14 25.65
CA ASP A 138 22.22 13.08 26.18
C ASP A 138 22.68 11.62 26.20
N VAL A 139 21.85 10.72 26.74
CA VAL A 139 22.16 9.26 26.79
C VAL A 139 22.33 8.73 25.36
N PHE A 140 21.43 9.08 24.45
CA PHE A 140 21.53 8.62 23.04
C PHE A 140 22.82 9.14 22.40
N ALA A 141 23.05 10.46 22.56
CA ALA A 141 24.24 11.20 22.06
C ALA A 141 25.52 10.47 22.47
N GLU A 142 25.59 10.04 23.73
CA GLU A 142 26.73 9.26 24.29
C GLU A 142 27.01 7.99 23.49
N HIS A 143 25.99 7.29 22.96
CA HIS A 143 26.16 6.00 22.25
C HIS A 143 25.95 6.16 20.74
N GLU A 144 25.48 7.33 20.31
CA GLU A 144 25.21 7.61 18.87
C GLU A 144 26.42 7.17 18.06
N PRO A 145 27.67 7.49 18.46
CA PRO A 145 28.85 7.13 17.67
C PRO A 145 28.99 5.64 17.31
N VAL A 146 28.50 4.74 18.18
CA VAL A 146 28.55 3.26 17.95
C VAL A 146 27.30 2.84 17.16
N LEU A 147 26.11 3.26 17.64
CA LEU A 147 24.77 2.94 17.03
C LEU A 147 24.77 3.31 15.54
N ARG A 148 25.48 4.38 15.15
CA ARG A 148 25.41 4.96 13.78
C ARG A 148 25.90 3.92 12.76
N HIS A 149 26.77 2.99 13.15
CA HIS A 149 27.24 1.90 12.24
C HIS A 149 26.05 1.10 11.71
N ILE A 150 24.97 1.03 12.48
CA ILE A 150 23.76 0.23 12.12
C ILE A 150 22.96 0.97 11.05
N GLY A 151 22.93 2.30 11.13
CA GLY A 151 22.32 3.15 10.09
C GLY A 151 22.16 4.58 10.57
N ARG A 152 21.84 5.46 9.63
CA ARG A 152 21.69 6.90 9.88
C ARG A 152 20.68 7.07 11.02
N PRO A 153 21.12 7.51 12.21
CA PRO A 153 20.20 7.79 13.30
C PRO A 153 19.22 8.90 12.92
N GLU A 154 17.98 8.74 13.33
CA GLU A 154 16.93 9.77 13.21
C GLU A 154 16.34 9.97 14.60
N TYR A 155 16.98 10.81 15.41
CA TYR A 155 16.52 11.16 16.78
C TYR A 155 15.26 12.01 16.67
N LEU A 156 14.18 11.57 17.32
CA LEU A 156 12.84 12.19 17.17
C LEU A 156 12.46 13.03 18.38
N GLY A 157 13.03 12.80 19.55
CA GLY A 157 12.54 13.48 20.77
C GLY A 157 12.66 12.63 22.02
N GLU A 158 12.20 13.20 23.13
CA GLU A 158 12.41 12.70 24.52
C GLU A 158 11.33 11.64 24.85
N ASP A 159 10.12 11.77 24.29
CA ASP A 159 9.05 10.75 24.44
C ASP A 159 9.56 9.40 23.88
N HIS A 160 9.75 8.39 24.73
CA HIS A 160 10.22 7.04 24.32
C HIS A 160 9.28 6.44 23.26
N GLY A 161 7.99 6.76 23.33
CA GLY A 161 6.96 6.25 22.40
C GLY A 161 7.15 6.72 20.96
N LEU A 162 7.96 7.76 20.72
CA LEU A 162 7.99 8.47 19.42
C LEU A 162 8.56 7.54 18.35
N ALA A 163 9.75 6.98 18.58
CA ALA A 163 10.44 6.10 17.62
C ALA A 163 9.53 4.92 17.24
N GLN A 164 8.78 4.44 18.24
CA GLN A 164 7.83 3.32 18.11
C GLN A 164 6.63 3.77 17.27
N LEU A 165 6.06 4.94 17.56
CA LEU A 165 4.95 5.52 16.78
C LEU A 165 5.35 5.63 15.28
N PHE A 166 6.55 6.14 14.99
CA PHE A 166 7.06 6.32 13.62
C PHE A 166 7.21 4.95 12.97
N TYR A 167 7.87 4.02 13.67
CA TYR A 167 8.03 2.62 13.21
C TYR A 167 6.66 2.02 12.88
N GLN A 168 5.70 2.07 13.80
CA GLN A 168 4.39 1.44 13.55
C GLN A 168 3.70 2.13 12.37
N ALA A 169 3.76 3.47 12.29
CA ALA A 169 3.19 4.23 11.15
C ALA A 169 3.85 3.75 9.83
N GLU A 170 5.17 3.62 9.78
CA GLU A 170 5.88 3.14 8.55
C GLU A 170 5.42 1.73 8.22
N LEU A 171 5.35 0.85 9.21
CA LEU A 171 5.02 -0.56 8.95
C LEU A 171 3.53 -0.71 8.58
N THR A 172 2.64 0.20 8.98
CA THR A 172 1.25 0.19 8.47
C THR A 172 1.29 0.36 6.95
N VAL A 173 2.15 1.25 6.48
CA VAL A 173 2.34 1.54 5.03
C VAL A 173 2.93 0.28 4.39
N PHE A 174 4.02 -0.19 4.96
CA PHE A 174 4.84 -1.25 4.34
C PHE A 174 4.06 -2.56 4.34
N LEU A 175 3.57 -3.05 5.49
CA LEU A 175 2.91 -4.37 5.57
C LEU A 175 1.57 -4.35 4.81
N THR A 176 0.81 -3.25 4.88
CA THR A 176 -0.51 -3.15 4.21
C THR A 176 -0.29 -3.17 2.69
N SER A 177 0.74 -2.46 2.19
CA SER A 177 1.13 -2.45 0.78
C SER A 177 1.50 -3.86 0.35
N LEU A 178 2.37 -4.55 1.10
CA LEU A 178 2.72 -5.96 0.82
C LEU A 178 1.44 -6.78 0.71
N SER A 179 0.49 -6.63 1.65
CA SER A 179 -0.77 -7.41 1.60
C SER A 179 -1.54 -7.08 0.31
N ALA A 180 -1.55 -5.80 -0.10
CA ALA A 180 -2.24 -5.33 -1.33
C ALA A 180 -1.60 -5.95 -2.56
N TYR A 181 -0.28 -6.11 -2.60
CA TYR A 181 0.43 -6.87 -3.66
C TYR A 181 -0.12 -8.31 -3.73
N LEU A 182 -0.22 -9.00 -2.59
CA LEU A 182 -0.68 -10.43 -2.54
C LEU A 182 -2.13 -10.50 -3.03
N GLN A 183 -2.94 -9.55 -2.58
CA GLN A 183 -4.35 -9.41 -2.98
C GLN A 183 -4.47 -9.24 -4.51
N ALA A 184 -3.72 -8.30 -5.09
CA ALA A 184 -3.69 -8.05 -6.54
C ALA A 184 -3.22 -9.31 -7.27
N PHE A 185 -2.16 -9.95 -6.81
CA PHE A 185 -1.62 -11.17 -7.45
C PHE A 185 -2.65 -12.31 -7.35
N ALA A 186 -3.38 -12.41 -6.23
CA ALA A 186 -4.33 -13.52 -5.99
C ALA A 186 -5.49 -13.36 -6.97
N LEU A 187 -5.93 -12.13 -7.18
CA LEU A 187 -7.05 -11.83 -8.10
C LEU A 187 -6.65 -12.24 -9.52
N LEU A 188 -5.44 -11.91 -9.98
CA LEU A 188 -4.95 -12.34 -11.32
C LEU A 188 -4.87 -13.87 -11.35
N ALA A 189 -4.12 -14.46 -10.42
CA ALA A 189 -3.82 -15.90 -10.42
C ALA A 189 -5.16 -16.65 -10.47
N ALA A 190 -6.18 -16.15 -9.76
CA ALA A 190 -7.47 -16.86 -9.61
C ALA A 190 -8.20 -16.84 -10.93
N GLU A 191 -7.99 -15.81 -11.76
CA GLU A 191 -8.68 -15.66 -13.06
C GLU A 191 -7.78 -16.17 -14.19
N GLY A 192 -6.71 -16.89 -13.85
CA GLY A 192 -5.85 -17.59 -14.82
C GLY A 192 -4.79 -16.70 -15.43
N ALA A 193 -4.64 -15.44 -15.01
CA ALA A 193 -3.59 -14.53 -15.52
C ALA A 193 -2.34 -14.69 -14.65
N ASP A 194 -1.20 -14.21 -15.15
CA ASP A 194 0.13 -14.39 -14.55
C ASP A 194 0.48 -13.16 -13.70
N PRO A 195 0.54 -13.31 -12.35
CA PRO A 195 0.96 -12.21 -11.47
C PRO A 195 2.21 -11.49 -11.97
N ALA A 196 3.19 -12.25 -12.52
CA ALA A 196 4.43 -11.70 -13.10
C ALA A 196 4.12 -10.53 -14.04
N ARG A 197 3.02 -10.60 -14.81
CA ARG A 197 2.70 -9.57 -15.83
C ARG A 197 2.26 -8.28 -15.16
N LEU A 198 1.83 -8.32 -13.88
CA LEU A 198 1.36 -7.10 -13.20
C LEU A 198 2.55 -6.28 -12.72
N VAL A 199 3.71 -6.90 -12.53
CA VAL A 199 4.80 -6.31 -11.70
C VAL A 199 5.11 -4.88 -12.17
N PRO A 200 5.49 -4.66 -13.45
CA PRO A 200 5.84 -3.31 -13.89
C PRO A 200 4.72 -2.32 -13.60
N PHE A 201 3.46 -2.71 -13.80
CA PHE A 201 2.30 -1.80 -13.57
C PHE A 201 2.09 -1.58 -12.06
N ALA A 202 2.44 -2.55 -11.23
CA ALA A 202 2.30 -2.45 -9.75
C ALA A 202 3.31 -1.39 -9.27
N ARG A 203 4.52 -1.41 -9.83
CA ARG A 203 5.58 -0.42 -9.49
C ARG A 203 5.05 0.97 -9.84
N GLU A 204 4.48 1.06 -11.04
CA GLU A 204 3.96 2.34 -11.57
C GLU A 204 2.94 2.88 -10.57
N VAL A 205 2.02 2.00 -10.15
CA VAL A 205 0.83 2.49 -9.41
C VAL A 205 1.27 2.82 -7.98
N SER A 206 2.26 2.09 -7.44
CA SER A 206 2.88 2.36 -6.13
C SER A 206 3.54 3.75 -6.17
N GLY A 207 4.35 4.03 -7.20
CA GLY A 207 4.95 5.35 -7.44
C GLY A 207 3.84 6.40 -7.51
N LEU A 208 2.76 6.10 -8.23
CA LEU A 208 1.62 7.06 -8.34
C LEU A 208 1.02 7.31 -6.94
N ALA A 209 0.72 6.24 -6.19
CA ALA A 209 0.13 6.33 -4.82
C ALA A 209 0.96 7.29 -3.96
N ALA A 210 2.29 7.12 -3.97
CA ALA A 210 3.25 7.90 -3.15
C ALA A 210 3.24 9.38 -3.54
N SER A 211 2.95 9.69 -4.80
CA SER A 211 2.86 11.09 -5.30
C SER A 211 1.64 11.78 -4.65
N TYR A 212 0.73 11.06 -4.00
CA TYR A 212 -0.42 11.70 -3.29
C TYR A 212 -0.11 12.08 -1.85
N LEU A 213 1.06 11.78 -1.31
CA LEU A 213 1.32 11.97 0.14
C LEU A 213 1.10 13.43 0.56
N ASP A 214 1.68 14.41 -0.16
CA ASP A 214 1.59 15.85 0.24
C ASP A 214 0.13 16.28 0.26
N GLU A 215 -0.66 15.94 -0.78
CA GLU A 215 -2.09 16.32 -0.87
C GLU A 215 -2.84 15.64 0.28
N THR A 216 -2.49 14.40 0.64
CA THR A 216 -3.19 13.70 1.75
C THR A 216 -3.01 14.49 3.04
N VAL A 217 -1.77 14.85 3.35
CA VAL A 217 -1.39 15.60 4.58
C VAL A 217 -2.10 16.94 4.55
N SER A 218 -1.97 17.66 3.44
CA SER A 218 -2.56 19.00 3.24
C SER A 218 -4.07 18.96 3.46
N GLN A 219 -4.80 18.05 2.81
CA GLN A 219 -6.29 18.08 2.86
C GLN A 219 -6.81 17.59 4.21
N THR A 220 -6.14 16.56 4.79
CA THR A 220 -6.60 15.96 6.07
C THR A 220 -6.36 16.96 7.20
N ARG A 221 -5.20 17.64 7.21
CA ARG A 221 -4.90 18.64 8.26
C ARG A 221 -5.86 19.84 8.14
N ALA A 222 -6.34 20.16 6.94
CA ALA A 222 -7.34 21.23 6.66
C ALA A 222 -8.79 20.73 6.87
N ARG A 223 -8.99 19.42 6.98
CA ARG A 223 -10.33 18.77 6.93
C ARG A 223 -11.15 19.35 5.78
N ALA A 224 -10.51 19.53 4.63
CA ALA A 224 -11.09 20.07 3.39
C ALA A 224 -10.76 19.12 2.22
N TYR A 225 -11.78 18.64 1.53
CA TYR A 225 -11.73 17.42 0.67
C TYR A 225 -12.41 17.72 -0.66
N PRO A 226 -11.84 18.64 -1.47
CA PRO A 226 -12.41 18.97 -2.77
C PRO A 226 -12.41 17.75 -3.70
N GLY A 227 -13.59 17.38 -4.23
CA GLY A 227 -13.83 16.17 -5.01
C GLY A 227 -13.82 16.39 -6.52
N ASP A 228 -13.11 17.41 -7.05
CA ASP A 228 -13.13 17.78 -8.49
C ASP A 228 -12.40 16.73 -9.34
N LEU A 229 -11.35 16.09 -8.81
CA LEU A 229 -10.49 15.15 -9.58
C LEU A 229 -10.87 13.68 -9.31
N SER A 230 -11.60 13.43 -8.22
CA SER A 230 -11.97 12.07 -7.74
C SER A 230 -12.83 12.18 -6.48
N THR A 231 -14.01 11.59 -6.55
CA THR A 231 -15.02 11.49 -5.48
C THR A 231 -14.87 10.16 -4.72
N ALA A 232 -15.22 10.17 -3.44
CA ALA A 232 -15.42 8.95 -2.62
C ALA A 232 -16.47 8.05 -3.26
N THR A 233 -17.48 8.60 -3.94
CA THR A 233 -18.49 7.78 -4.66
C THR A 233 -17.79 6.95 -5.73
N MET A 234 -16.96 7.61 -6.54
CA MET A 234 -16.21 6.98 -7.66
C MET A 234 -15.25 5.96 -7.07
N ALA A 235 -14.40 6.39 -6.13
CA ALA A 235 -13.35 5.53 -5.52
C ALA A 235 -14.03 4.36 -4.80
N GLY A 236 -15.14 4.64 -4.11
CA GLY A 236 -15.97 3.65 -3.39
C GLY A 236 -16.57 2.63 -4.34
N ALA A 237 -16.97 3.06 -5.54
CA ALA A 237 -17.49 2.14 -6.58
C ALA A 237 -16.39 1.12 -6.88
N THR A 238 -15.18 1.60 -7.18
CA THR A 238 -14.03 0.69 -7.42
C THR A 238 -13.80 -0.21 -6.20
N ALA A 239 -13.79 0.32 -4.97
CA ALA A 239 -13.60 -0.53 -3.75
C ALA A 239 -14.59 -1.71 -3.75
N GLU A 240 -15.85 -1.47 -4.15
CA GLU A 240 -16.90 -2.51 -4.31
C GLU A 240 -16.56 -3.41 -5.49
N HIS A 241 -16.10 -2.86 -6.61
CA HIS A 241 -15.76 -3.71 -7.78
C HIS A 241 -14.63 -4.66 -7.40
N ILE A 242 -13.61 -4.17 -6.69
CA ILE A 242 -12.49 -5.02 -6.21
C ILE A 242 -13.08 -6.12 -5.31
N LEU A 243 -13.93 -5.77 -4.34
CA LEU A 243 -14.51 -6.76 -3.39
C LEU A 243 -15.28 -7.83 -4.18
N GLN A 244 -16.13 -7.39 -5.12
CA GLN A 244 -17.02 -8.30 -5.89
C GLN A 244 -16.14 -9.18 -6.79
N ALA A 245 -15.08 -8.64 -7.38
CA ALA A 245 -14.19 -9.38 -8.30
C ALA A 245 -13.47 -10.44 -7.46
N CYS A 246 -13.10 -10.09 -6.23
CA CYS A 246 -12.46 -11.04 -5.26
C CYS A 246 -13.46 -12.15 -4.86
N ARG A 247 -14.75 -11.80 -4.64
CA ARG A 247 -15.83 -12.78 -4.35
C ARG A 247 -15.95 -13.74 -5.53
N ASP A 248 -16.07 -13.20 -6.75
CA ASP A 248 -16.16 -13.98 -8.02
C ASP A 248 -14.94 -14.88 -8.17
N ALA A 249 -13.73 -14.40 -7.90
CA ALA A 249 -12.49 -15.18 -8.13
C ALA A 249 -12.25 -16.21 -7.01
N GLY A 250 -12.93 -16.10 -5.86
CA GLY A 250 -12.75 -17.05 -4.75
C GLY A 250 -11.51 -16.78 -3.94
N VAL A 251 -11.09 -15.52 -3.83
CA VAL A 251 -9.86 -15.18 -3.05
C VAL A 251 -10.31 -14.57 -1.72
N ASP A 252 -9.37 -14.36 -0.80
CA ASP A 252 -9.68 -13.78 0.52
C ASP A 252 -10.26 -12.38 0.33
N LEU A 253 -11.19 -12.03 1.21
CA LEU A 253 -12.00 -10.79 1.13
C LEU A 253 -11.60 -9.78 2.23
N ALA A 254 -10.75 -10.15 3.20
CA ALA A 254 -10.54 -9.31 4.40
C ALA A 254 -10.06 -7.91 3.94
N LEU A 255 -9.02 -7.84 3.13
CA LEU A 255 -8.37 -6.54 2.80
C LEU A 255 -9.34 -5.68 2.01
N PRO A 256 -9.98 -6.18 0.91
CA PRO A 256 -10.89 -5.33 0.13
C PRO A 256 -12.19 -4.97 0.86
N GLU A 257 -12.65 -5.86 1.74
CA GLU A 257 -13.76 -5.57 2.67
C GLU A 257 -13.40 -4.33 3.48
N ALA A 258 -12.18 -4.26 4.04
CA ALA A 258 -11.77 -3.22 4.99
C ALA A 258 -11.77 -1.89 4.23
N VAL A 259 -11.20 -1.90 3.03
CA VAL A 259 -11.07 -0.66 2.20
C VAL A 259 -12.49 -0.20 1.84
N LYS A 260 -13.34 -1.11 1.40
CA LYS A 260 -14.75 -0.80 1.04
C LYS A 260 -15.45 -0.16 2.25
N SER A 261 -15.21 -0.68 3.47
CA SER A 261 -15.88 -0.21 4.71
C SER A 261 -15.56 1.27 4.90
N GLN A 262 -14.34 1.69 4.61
CA GLN A 262 -13.97 3.12 4.77
C GLN A 262 -14.83 3.98 3.83
N TYR A 263 -14.97 3.56 2.59
CA TYR A 263 -15.70 4.32 1.55
C TYR A 263 -17.18 4.34 1.93
N ASP A 264 -17.76 3.20 2.31
CA ASP A 264 -19.19 3.12 2.69
C ASP A 264 -19.47 4.07 3.85
N ARG A 265 -18.64 4.07 4.89
CA ARG A 265 -18.88 4.94 6.07
C ARG A 265 -18.73 6.41 5.67
N ALA A 266 -17.74 6.75 4.84
CA ALA A 266 -17.58 8.15 4.38
C ALA A 266 -18.81 8.58 3.55
N ILE A 267 -19.31 7.71 2.67
CA ILE A 267 -20.49 8.00 1.82
C ILE A 267 -21.72 8.16 2.72
N ALA A 268 -22.02 7.18 3.58
CA ALA A 268 -23.12 7.24 4.58
C ALA A 268 -23.01 8.54 5.37
N ALA A 269 -21.80 9.02 5.63
CA ALA A 269 -21.55 10.25 6.42
C ALA A 269 -21.73 11.51 5.55
N GLY A 270 -22.02 11.37 4.26
CA GLY A 270 -22.35 12.48 3.35
C GLY A 270 -21.15 13.03 2.57
N HIS A 271 -20.03 12.28 2.46
CA HIS A 271 -18.80 12.69 1.74
C HIS A 271 -18.74 12.07 0.34
N GLY A 272 -19.83 11.53 -0.20
CA GLY A 272 -19.88 10.94 -1.55
C GLY A 272 -19.30 11.87 -2.64
N GLY A 273 -19.57 13.17 -2.55
CA GLY A 273 -19.05 14.16 -3.51
C GLY A 273 -17.67 14.67 -3.15
N ASP A 274 -17.13 14.36 -1.97
CA ASP A 274 -15.79 14.84 -1.53
C ASP A 274 -14.68 13.95 -2.14
N ASN A 275 -13.44 14.43 -2.05
CA ASN A 275 -12.21 13.64 -2.35
C ASN A 275 -12.17 12.38 -1.46
N TRP A 276 -11.42 11.37 -1.91
CA TRP A 276 -11.13 10.12 -1.14
C TRP A 276 -10.52 10.43 0.24
N THR A 277 -9.81 11.55 0.39
CA THR A 277 -9.19 12.06 1.64
C THR A 277 -10.26 12.29 2.73
N SER A 278 -11.52 12.40 2.35
CA SER A 278 -12.69 12.54 3.24
C SER A 278 -12.84 11.31 4.15
N LEU A 279 -12.20 10.19 3.78
CA LEU A 279 -12.16 8.95 4.60
C LEU A 279 -11.45 9.24 5.93
N TRP A 280 -10.62 10.27 5.98
CA TRP A 280 -10.00 10.79 7.22
C TRP A 280 -11.08 10.98 8.28
N GLU A 281 -12.26 11.46 7.88
CA GLU A 281 -13.41 11.72 8.76
C GLU A 281 -13.86 10.40 9.41
N VAL A 282 -13.53 9.26 8.78
CA VAL A 282 -13.89 7.90 9.27
C VAL A 282 -12.69 7.29 10.01
N VAL A 283 -11.48 7.40 9.48
CA VAL A 283 -10.30 6.67 10.03
C VAL A 283 -9.74 7.35 11.30
N ALA A 284 -9.68 8.70 11.35
CA ALA A 284 -8.82 9.49 12.28
C ALA A 284 -9.29 9.46 13.75
N MET B 1 -8.50 13.43 -40.87
CA MET B 1 -9.51 13.94 -39.89
C MET B 1 -10.26 12.73 -39.29
N THR B 2 -10.21 12.55 -37.96
CA THR B 2 -10.87 11.44 -37.23
C THR B 2 -11.99 12.00 -36.33
N SER B 3 -12.88 11.10 -35.92
CA SER B 3 -14.15 11.43 -35.23
C SER B 3 -14.32 10.53 -34.00
N ALA B 4 -14.77 11.09 -32.86
CA ALA B 4 -14.99 10.32 -31.62
C ALA B 4 -16.08 10.94 -30.76
N THR B 5 -16.86 10.07 -30.10
CA THR B 5 -17.78 10.42 -29.01
C THR B 5 -17.20 10.04 -27.63
N VAL B 6 -17.37 10.93 -26.65
CA VAL B 6 -17.17 10.60 -25.22
C VAL B 6 -18.47 10.80 -24.44
N ILE B 7 -18.97 9.71 -23.85
CA ILE B 7 -20.11 9.73 -22.88
C ILE B 7 -19.55 9.60 -21.46
N GLY B 8 -19.79 10.61 -20.61
CA GLY B 8 -19.26 10.72 -19.25
C GLY B 8 -18.21 11.80 -19.12
N LEU B 9 -18.56 12.91 -18.45
CA LEU B 9 -17.73 14.12 -18.32
C LEU B 9 -17.45 14.37 -16.83
N GLY B 10 -17.12 13.31 -16.10
CA GLY B 10 -16.30 13.44 -14.88
C GLY B 10 -14.90 13.93 -15.29
N PRO B 11 -13.98 14.09 -14.31
CA PRO B 11 -12.66 14.64 -14.58
C PRO B 11 -11.93 13.87 -15.68
N MET B 12 -12.16 12.55 -15.79
CA MET B 12 -11.41 11.69 -16.73
C MET B 12 -11.98 11.92 -18.15
N GLY B 13 -13.30 11.91 -18.27
CA GLY B 13 -13.99 12.14 -19.57
C GLY B 13 -13.57 13.47 -20.16
N GLN B 14 -13.62 14.53 -19.35
CA GLN B 14 -13.19 15.89 -19.75
C GLN B 14 -11.72 15.84 -20.18
N ALA B 15 -10.85 15.30 -19.32
CA ALA B 15 -9.40 15.15 -19.60
C ALA B 15 -9.22 14.53 -20.99
N MET B 16 -9.93 13.43 -21.24
CA MET B 16 -9.82 12.66 -22.50
C MET B 16 -10.30 13.52 -23.67
N VAL B 17 -11.35 14.30 -23.45
CA VAL B 17 -11.95 15.14 -24.53
C VAL B 17 -10.94 16.24 -24.92
N ARG B 18 -10.39 17.00 -23.96
CA ARG B 18 -9.34 18.03 -24.22
C ARG B 18 -8.16 17.37 -24.95
N VAL B 19 -7.77 16.15 -24.58
CA VAL B 19 -6.57 15.51 -25.22
C VAL B 19 -6.90 15.20 -26.68
N LEU B 20 -8.08 14.65 -26.95
CA LEU B 20 -8.47 14.23 -28.32
C LEU B 20 -8.59 15.47 -29.23
N LEU B 21 -9.28 16.50 -28.75
CA LEU B 21 -9.46 17.79 -29.46
C LEU B 21 -8.09 18.36 -29.81
N GLU B 22 -7.22 18.49 -28.81
CA GLU B 22 -5.86 19.02 -28.96
C GLU B 22 -5.06 18.18 -29.95
N HIS B 23 -5.44 16.92 -30.19
CA HIS B 23 -4.78 16.06 -31.21
C HIS B 23 -5.57 16.08 -32.53
N GLY B 24 -6.61 16.91 -32.63
CA GLY B 24 -7.31 17.19 -33.89
C GLY B 24 -8.45 16.23 -34.18
N THR B 25 -8.89 15.43 -33.20
CA THR B 25 -10.13 14.63 -33.33
C THR B 25 -11.35 15.56 -33.16
N ALA B 26 -12.39 15.32 -33.94
CA ALA B 26 -13.75 15.90 -33.76
C ALA B 26 -14.37 15.15 -32.59
N VAL B 27 -14.84 15.88 -31.56
CA VAL B 27 -15.34 15.22 -30.32
C VAL B 27 -16.76 15.70 -30.00
N THR B 28 -17.68 14.75 -30.12
CA THR B 28 -19.08 14.90 -29.67
C THR B 28 -19.21 14.28 -28.29
N VAL B 29 -19.89 14.97 -27.37
CA VAL B 29 -20.02 14.51 -25.97
C VAL B 29 -21.49 14.48 -25.54
N TRP B 30 -21.77 13.65 -24.54
CA TRP B 30 -23.04 13.66 -23.76
C TRP B 30 -22.71 13.41 -22.28
N ASN B 31 -23.36 14.17 -21.40
CA ASN B 31 -23.34 13.96 -19.94
C ASN B 31 -24.76 14.01 -19.36
N ARG B 32 -25.08 13.12 -18.41
CA ARG B 32 -26.32 13.20 -17.61
C ARG B 32 -26.49 14.64 -17.13
N THR B 33 -25.44 15.27 -16.61
CA THR B 33 -25.45 16.67 -16.11
C THR B 33 -24.90 17.58 -17.21
N LYS B 34 -25.76 18.08 -18.09
CA LYS B 34 -25.33 18.76 -19.35
C LYS B 34 -24.41 19.94 -19.03
N SER B 35 -24.58 20.59 -17.88
CA SER B 35 -23.77 21.77 -17.44
C SER B 35 -22.25 21.48 -17.48
N ARG B 36 -21.81 20.25 -17.18
CA ARG B 36 -20.38 19.86 -16.99
C ARG B 36 -19.58 19.87 -18.32
N ALA B 37 -20.27 19.98 -19.46
CA ALA B 37 -19.66 20.08 -20.81
C ALA B 37 -19.22 21.53 -21.12
N ASP B 38 -19.57 22.52 -20.29
CA ASP B 38 -19.23 23.95 -20.49
C ASP B 38 -17.79 24.11 -20.99
N ASP B 39 -16.78 23.62 -20.27
CA ASP B 39 -15.36 23.85 -20.60
C ASP B 39 -14.95 23.09 -21.88
N VAL B 40 -15.40 21.84 -22.07
CA VAL B 40 -14.95 21.05 -23.24
C VAL B 40 -15.64 21.60 -24.50
N VAL B 41 -16.90 22.05 -24.42
CA VAL B 41 -17.58 22.70 -25.58
C VAL B 41 -16.78 23.96 -25.97
N ALA B 42 -16.40 24.80 -24.99
CA ALA B 42 -15.57 26.00 -25.18
C ALA B 42 -14.22 25.64 -25.82
N ARG B 43 -13.84 24.36 -25.83
CA ARG B 43 -12.57 23.85 -26.41
C ARG B 43 -12.83 23.16 -27.75
N GLY B 44 -14.10 23.15 -28.19
CA GLY B 44 -14.50 22.71 -29.54
C GLY B 44 -15.19 21.36 -29.52
N ALA B 45 -15.59 20.87 -28.34
CA ALA B 45 -16.40 19.64 -28.20
C ALA B 45 -17.80 20.01 -28.69
N VAL B 46 -18.52 19.07 -29.30
CA VAL B 46 -19.96 19.27 -29.67
C VAL B 46 -20.84 18.54 -28.63
N LEU B 47 -21.68 19.28 -27.91
CA LEU B 47 -22.64 18.72 -26.92
C LEU B 47 -23.85 18.11 -27.63
N ALA B 48 -23.87 16.80 -27.85
CA ALA B 48 -25.06 16.04 -28.31
C ALA B 48 -26.23 16.29 -27.33
N GLY B 49 -27.46 16.26 -27.86
CA GLY B 49 -28.69 16.45 -27.08
C GLY B 49 -29.01 15.22 -26.26
N THR B 50 -28.76 14.02 -26.82
CA THR B 50 -29.10 12.70 -26.22
C THR B 50 -27.95 11.71 -26.41
N PRO B 51 -27.90 10.64 -25.57
CA PRO B 51 -26.97 9.53 -25.79
C PRO B 51 -27.05 8.92 -27.20
N ALA B 52 -28.26 8.77 -27.74
CA ALA B 52 -28.51 8.15 -29.08
C ALA B 52 -27.79 8.97 -30.16
N GLU B 53 -27.97 10.29 -30.17
CA GLU B 53 -27.28 11.24 -31.09
C GLU B 53 -25.76 11.06 -31.03
N ALA B 54 -25.20 11.13 -29.81
CA ALA B 54 -23.74 11.05 -29.57
C ALA B 54 -23.20 9.73 -30.15
N LEU B 55 -23.92 8.61 -30.07
CA LEU B 55 -23.48 7.34 -30.69
C LEU B 55 -23.37 7.49 -32.21
N LYS B 56 -24.31 8.23 -32.83
CA LYS B 56 -24.43 8.35 -34.31
C LYS B 56 -23.38 9.32 -34.85
N ALA B 57 -22.77 10.14 -33.98
CA ALA B 57 -21.76 11.17 -34.33
C ALA B 57 -20.41 10.53 -34.69
N ALA B 58 -20.10 9.32 -34.22
CA ALA B 58 -18.86 8.59 -34.54
C ALA B 58 -19.10 7.09 -34.50
N GLY B 59 -18.17 6.31 -35.06
CA GLY B 59 -18.09 4.85 -34.85
C GLY B 59 -17.23 4.49 -33.63
N LEU B 60 -16.48 5.46 -33.08
CA LEU B 60 -15.66 5.30 -31.83
C LEU B 60 -16.38 5.98 -30.67
N VAL B 61 -16.97 5.17 -29.78
CA VAL B 61 -17.70 5.68 -28.58
C VAL B 61 -16.87 5.31 -27.34
N ILE B 62 -16.40 6.33 -26.61
CA ILE B 62 -15.65 6.16 -25.33
C ILE B 62 -16.61 6.45 -24.17
N LEU B 63 -16.63 5.52 -23.20
CA LEU B 63 -17.47 5.65 -21.97
C LEU B 63 -16.55 5.86 -20.77
N SER B 64 -16.75 6.96 -20.05
CA SER B 64 -16.09 7.31 -18.77
C SER B 64 -17.16 7.51 -17.68
N LEU B 65 -17.70 6.40 -17.19
CA LEU B 65 -18.77 6.40 -16.15
C LEU B 65 -18.27 5.65 -14.91
N THR B 66 -18.91 5.88 -13.77
CA THR B 66 -18.55 5.33 -12.44
C THR B 66 -18.57 3.80 -12.47
N ASP B 67 -19.50 3.18 -13.22
CA ASP B 67 -19.61 1.69 -13.32
C ASP B 67 -20.28 1.29 -14.65
N TYR B 68 -20.43 0.00 -14.92
CA TYR B 68 -21.08 -0.47 -16.17
C TYR B 68 -22.60 -0.37 -16.03
N GLN B 69 -23.13 -0.28 -14.82
CA GLN B 69 -24.58 -0.04 -14.65
C GLN B 69 -24.90 1.31 -15.33
N ALA B 70 -24.06 2.31 -15.13
CA ALA B 70 -24.22 3.66 -15.72
C ALA B 70 -24.36 3.52 -17.25
N MET B 71 -23.65 2.57 -17.88
CA MET B 71 -23.74 2.29 -19.33
C MET B 71 -25.14 1.78 -19.68
N TYR B 72 -25.71 0.91 -18.86
CA TYR B 72 -27.08 0.39 -19.06
C TYR B 72 -28.09 1.53 -18.86
N ASP B 73 -27.91 2.36 -17.82
CA ASP B 73 -28.81 3.51 -17.52
C ASP B 73 -28.87 4.51 -18.69
N VAL B 74 -27.84 4.53 -19.53
CA VAL B 74 -27.58 5.62 -20.52
C VAL B 74 -27.80 5.07 -21.94
N LEU B 75 -27.41 3.81 -22.20
CA LEU B 75 -27.48 3.14 -23.53
C LEU B 75 -28.70 2.22 -23.61
N GLY B 76 -29.45 2.03 -22.51
CA GLY B 76 -30.69 1.22 -22.49
C GLY B 76 -31.65 1.62 -23.61
N ASP B 77 -31.94 2.91 -23.76
CA ASP B 77 -32.85 3.49 -24.80
C ASP B 77 -32.15 3.72 -26.15
N ALA B 78 -30.93 3.24 -26.35
CA ALA B 78 -30.13 3.51 -27.58
C ALA B 78 -30.67 2.64 -28.73
N GLY B 79 -30.74 1.32 -28.51
CA GLY B 79 -31.29 0.34 -29.47
C GLY B 79 -30.38 0.14 -30.66
N GLU B 80 -30.67 0.82 -31.78
CA GLU B 80 -30.00 0.62 -33.10
C GLU B 80 -29.05 1.78 -33.41
N ALA B 81 -29.16 2.91 -32.68
CA ALA B 81 -28.11 3.95 -32.54
C ALA B 81 -26.78 3.30 -32.15
N LEU B 82 -26.83 2.11 -31.53
CA LEU B 82 -25.68 1.30 -31.05
C LEU B 82 -25.13 0.41 -32.17
N ALA B 83 -25.97 0.07 -33.17
CA ALA B 83 -25.62 -0.85 -34.29
C ALA B 83 -24.31 -0.38 -34.92
N GLY B 84 -23.36 -1.31 -35.09
CA GLY B 84 -22.08 -1.08 -35.79
C GLY B 84 -21.07 -0.26 -35.00
N ARG B 85 -21.34 0.12 -33.75
CA ARG B 85 -20.44 1.05 -33.00
C ARG B 85 -19.35 0.26 -32.27
N VAL B 86 -18.19 0.90 -32.08
CA VAL B 86 -17.13 0.41 -31.17
C VAL B 86 -17.27 1.16 -29.85
N VAL B 87 -17.70 0.44 -28.82
CA VAL B 87 -17.81 0.96 -27.43
C VAL B 87 -16.48 0.62 -26.76
N VAL B 88 -15.66 1.63 -26.53
CA VAL B 88 -14.45 1.55 -25.69
C VAL B 88 -14.88 2.02 -24.30
N ASN B 89 -15.26 1.07 -23.45
CA ASN B 89 -15.72 1.40 -22.07
C ASN B 89 -14.50 1.54 -21.16
N LEU B 90 -14.22 2.75 -20.65
CA LEU B 90 -13.07 3.00 -19.73
C LEU B 90 -13.55 3.23 -18.29
N SER B 91 -14.49 2.39 -17.83
CA SER B 91 -15.19 2.45 -16.53
C SER B 91 -14.78 1.28 -15.64
N SER B 92 -14.65 1.54 -14.32
CA SER B 92 -14.44 0.49 -13.28
C SER B 92 -15.68 -0.38 -13.20
N ASP B 93 -15.47 -1.69 -13.03
CA ASP B 93 -16.51 -2.70 -12.69
C ASP B 93 -15.79 -4.04 -12.55
N THR B 94 -16.53 -5.14 -12.40
CA THR B 94 -15.94 -6.49 -12.26
C THR B 94 -15.64 -7.08 -13.63
N PRO B 95 -14.64 -7.97 -13.72
CA PRO B 95 -14.39 -8.75 -14.93
C PRO B 95 -15.67 -9.45 -15.47
N GLN B 96 -16.37 -10.19 -14.61
CA GLN B 96 -17.67 -10.85 -14.93
C GLN B 96 -18.62 -9.85 -15.63
N ARG B 97 -18.87 -8.66 -15.06
CA ARG B 97 -19.87 -7.69 -15.58
C ARG B 97 -19.35 -7.07 -16.90
N THR B 98 -18.03 -7.11 -17.11
CA THR B 98 -17.39 -6.62 -18.36
C THR B 98 -17.69 -7.64 -19.46
N ARG B 99 -17.49 -8.93 -19.19
CA ARG B 99 -17.82 -10.05 -20.10
C ARG B 99 -19.32 -10.05 -20.42
N GLU B 100 -20.18 -9.91 -19.41
CA GLU B 100 -21.64 -9.74 -19.62
C GLU B 100 -21.90 -8.56 -20.57
N ALA B 101 -21.30 -7.39 -20.29
CA ALA B 101 -21.60 -6.17 -21.07
C ALA B 101 -21.23 -6.39 -22.56
N ALA B 102 -20.21 -7.23 -22.86
CA ALA B 102 -19.78 -7.55 -24.23
C ALA B 102 -20.91 -8.26 -24.97
N ALA B 103 -21.36 -9.41 -24.45
CA ALA B 103 -22.54 -10.16 -24.95
C ALA B 103 -23.67 -9.17 -25.20
N TRP B 104 -23.99 -8.31 -24.24
CA TRP B 104 -25.16 -7.37 -24.27
C TRP B 104 -25.03 -6.36 -25.40
N LEU B 105 -23.80 -5.90 -25.66
CA LEU B 105 -23.53 -4.91 -26.72
C LEU B 105 -23.60 -5.62 -28.08
N ALA B 106 -23.19 -6.89 -28.14
CA ALA B 106 -23.13 -7.69 -29.38
C ALA B 106 -24.56 -8.01 -29.87
N LYS B 107 -25.52 -8.20 -28.95
CA LYS B 107 -26.96 -8.36 -29.29
C LYS B 107 -27.47 -7.10 -29.99
N ARG B 108 -26.91 -5.92 -29.69
CA ARG B 108 -27.32 -4.63 -30.34
C ARG B 108 -26.34 -4.30 -31.47
N GLY B 109 -25.55 -5.28 -31.92
CA GLY B 109 -24.62 -5.21 -33.06
C GLY B 109 -23.39 -4.34 -32.80
N ALA B 110 -23.08 -4.01 -31.54
CA ALA B 110 -21.96 -3.13 -31.12
C ALA B 110 -20.81 -3.98 -30.56
N THR B 111 -19.60 -3.50 -30.73
CA THR B 111 -18.37 -4.18 -30.27
C THR B 111 -17.88 -3.48 -29.00
N LEU B 112 -17.57 -4.26 -27.96
CA LEU B 112 -16.91 -3.78 -26.72
C LEU B 112 -15.40 -3.96 -26.86
N VAL B 113 -14.63 -2.89 -26.59
CA VAL B 113 -13.24 -3.00 -26.07
C VAL B 113 -13.26 -2.41 -24.66
N ALA B 114 -12.98 -3.24 -23.65
CA ALA B 114 -12.88 -2.80 -22.24
C ALA B 114 -11.50 -2.17 -22.06
N GLY B 115 -11.44 -1.03 -21.36
CA GLY B 115 -10.14 -0.47 -20.95
C GLY B 115 -10.14 0.08 -19.53
N GLY B 116 -8.94 0.32 -19.02
CA GLY B 116 -8.69 0.92 -17.70
C GLY B 116 -7.53 1.89 -17.77
N ILE B 117 -7.80 3.18 -17.54
CA ILE B 117 -6.76 4.25 -17.56
C ILE B 117 -6.06 4.23 -16.20
N MET B 118 -4.74 4.10 -16.19
CA MET B 118 -3.96 3.90 -14.94
C MET B 118 -3.32 5.19 -14.43
N VAL B 119 -3.87 6.36 -14.79
CA VAL B 119 -3.41 7.67 -14.25
C VAL B 119 -4.62 8.53 -13.93
N PRO B 120 -4.44 9.50 -13.01
CA PRO B 120 -5.50 10.45 -12.70
C PRO B 120 -5.70 11.49 -13.81
N ALA B 121 -6.75 12.30 -13.72
CA ALA B 121 -7.20 13.23 -14.81
C ALA B 121 -6.05 14.14 -15.25
N PRO B 122 -5.28 14.78 -14.33
CA PRO B 122 -4.22 15.67 -14.75
C PRO B 122 -3.15 15.01 -15.63
N LEU B 123 -2.98 13.67 -15.59
CA LEU B 123 -1.91 13.01 -16.35
C LEU B 123 -2.48 12.31 -17.60
N VAL B 124 -3.76 12.50 -17.89
CA VAL B 124 -4.34 11.96 -19.15
C VAL B 124 -3.61 12.65 -20.30
N GLY B 125 -3.05 11.86 -21.23
CA GLY B 125 -2.24 12.36 -22.36
C GLY B 125 -0.81 12.68 -22.00
N ALA B 126 -0.41 12.60 -20.73
CA ALA B 126 0.97 12.90 -20.28
C ALA B 126 1.82 11.66 -20.55
N GLU B 127 3.14 11.80 -20.56
CA GLU B 127 4.08 10.69 -20.89
C GLU B 127 3.77 9.42 -20.07
N ALA B 128 3.41 9.59 -18.79
CA ALA B 128 3.23 8.52 -17.79
C ALA B 128 1.92 7.75 -18.03
N SER B 129 0.98 8.34 -18.78
CA SER B 129 -0.36 7.74 -18.98
C SER B 129 -0.24 6.42 -19.73
N TYR B 130 -0.97 5.40 -19.27
CA TYR B 130 -1.12 4.11 -20.01
C TYR B 130 -2.52 3.57 -19.72
N VAL B 131 -3.03 2.76 -20.64
CA VAL B 131 -4.42 2.29 -20.64
C VAL B 131 -4.39 0.80 -21.00
N PHE B 132 -4.93 -0.04 -20.11
CA PHE B 132 -5.12 -1.47 -20.40
C PHE B 132 -6.27 -1.57 -21.41
N TYR B 133 -6.16 -2.45 -22.39
CA TYR B 133 -7.26 -2.76 -23.34
C TYR B 133 -7.36 -4.27 -23.55
N SER B 134 -8.58 -4.71 -23.76
CA SER B 134 -8.91 -6.13 -24.03
C SER B 134 -10.22 -6.14 -24.80
N GLY B 135 -10.37 -7.13 -25.67
CA GLY B 135 -11.44 -7.18 -26.69
C GLY B 135 -10.85 -7.62 -28.02
N PRO B 136 -11.64 -7.53 -29.11
CA PRO B 136 -11.21 -8.00 -30.43
C PRO B 136 -9.99 -7.19 -30.88
N ARG B 137 -8.89 -7.88 -31.18
CA ARG B 137 -7.56 -7.30 -31.54
C ARG B 137 -7.67 -6.43 -32.81
N ASP B 138 -8.43 -6.87 -33.82
CA ASP B 138 -8.53 -6.15 -35.12
C ASP B 138 -9.38 -4.89 -34.94
N VAL B 139 -10.45 -4.92 -34.16
CA VAL B 139 -11.31 -3.73 -33.91
C VAL B 139 -10.48 -2.67 -33.15
N PHE B 140 -9.76 -3.12 -32.12
CA PHE B 140 -8.95 -2.25 -31.23
C PHE B 140 -7.86 -1.58 -32.06
N ALA B 141 -7.08 -2.38 -32.81
CA ALA B 141 -6.05 -1.93 -33.77
C ALA B 141 -6.61 -0.82 -34.69
N GLU B 142 -7.88 -0.91 -35.07
CA GLU B 142 -8.48 0.11 -35.97
C GLU B 142 -8.58 1.46 -35.26
N HIS B 143 -8.90 1.52 -33.96
CA HIS B 143 -9.14 2.81 -33.26
C HIS B 143 -7.96 3.26 -32.38
N GLU B 144 -6.90 2.45 -32.32
CA GLU B 144 -5.66 2.65 -31.52
C GLU B 144 -4.96 3.95 -31.89
N PRO B 145 -4.92 4.35 -33.20
CA PRO B 145 -4.26 5.60 -33.60
C PRO B 145 -4.90 6.85 -32.99
N VAL B 146 -6.17 6.76 -32.60
CA VAL B 146 -6.88 7.86 -31.86
C VAL B 146 -6.68 7.64 -30.35
N LEU B 147 -6.90 6.41 -29.89
CA LEU B 147 -6.90 6.02 -28.46
C LEU B 147 -5.53 6.30 -27.83
N ARG B 148 -4.44 6.06 -28.56
CA ARG B 148 -3.07 6.12 -27.98
C ARG B 148 -2.80 7.54 -27.46
N HIS B 149 -3.51 8.56 -27.93
CA HIS B 149 -3.37 9.96 -27.43
C HIS B 149 -3.72 10.06 -25.93
N ILE B 150 -4.61 9.22 -25.44
CA ILE B 150 -5.09 9.26 -24.03
C ILE B 150 -3.99 8.66 -23.16
N GLY B 151 -3.24 7.71 -23.71
CA GLY B 151 -2.02 7.18 -23.11
C GLY B 151 -1.58 5.90 -23.79
N ARG B 152 -0.41 5.38 -23.42
CA ARG B 152 0.21 4.22 -24.11
C ARG B 152 -0.73 3.02 -23.99
N PRO B 153 -1.29 2.52 -25.11
CA PRO B 153 -2.19 1.37 -25.08
C PRO B 153 -1.45 0.09 -24.72
N GLU B 154 -1.94 -0.64 -23.72
CA GLU B 154 -1.48 -1.99 -23.32
C GLU B 154 -2.60 -2.97 -23.65
N TYR B 155 -2.52 -3.59 -24.83
CA TYR B 155 -3.50 -4.61 -25.30
C TYR B 155 -3.16 -5.95 -24.66
N LEU B 156 -4.08 -6.51 -23.89
CA LEU B 156 -3.84 -7.69 -23.03
C LEU B 156 -4.33 -8.98 -23.73
N GLY B 157 -5.31 -8.91 -24.62
CA GLY B 157 -5.84 -10.09 -25.33
C GLY B 157 -7.34 -10.02 -25.56
N GLU B 158 -7.94 -11.15 -25.94
CA GLU B 158 -9.29 -11.19 -26.56
C GLU B 158 -10.35 -11.09 -25.46
N ASP B 159 -10.05 -11.65 -24.30
CA ASP B 159 -11.04 -11.72 -23.20
C ASP B 159 -11.33 -10.29 -22.70
N HIS B 160 -12.51 -9.77 -23.00
CA HIS B 160 -13.00 -8.45 -22.52
C HIS B 160 -12.68 -8.23 -21.04
N GLY B 161 -12.71 -9.28 -20.22
CA GLY B 161 -12.51 -9.18 -18.76
C GLY B 161 -11.10 -8.76 -18.36
N LEU B 162 -10.12 -8.96 -19.26
CA LEU B 162 -8.68 -8.87 -18.92
C LEU B 162 -8.31 -7.46 -18.47
N ALA B 163 -8.70 -6.44 -19.22
CA ALA B 163 -8.36 -5.02 -18.90
C ALA B 163 -8.99 -4.69 -17.55
N GLN B 164 -10.22 -5.14 -17.32
CA GLN B 164 -10.96 -4.88 -16.07
C GLN B 164 -10.22 -5.58 -14.91
N LEU B 165 -9.75 -6.80 -15.15
CA LEU B 165 -9.03 -7.62 -14.16
C LEU B 165 -7.72 -6.91 -13.76
N PHE B 166 -6.93 -6.44 -14.74
CA PHE B 166 -5.64 -5.73 -14.46
C PHE B 166 -5.96 -4.39 -13.81
N TYR B 167 -7.03 -3.70 -14.25
CA TYR B 167 -7.46 -2.44 -13.63
C TYR B 167 -7.80 -2.69 -12.15
N GLN B 168 -8.62 -3.72 -11.85
CA GLN B 168 -9.07 -3.97 -10.47
C GLN B 168 -7.87 -4.37 -9.60
N ALA B 169 -6.94 -5.18 -10.13
CA ALA B 169 -5.70 -5.59 -9.41
C ALA B 169 -4.85 -4.32 -9.11
N GLU B 170 -4.73 -3.41 -10.08
CA GLU B 170 -3.93 -2.17 -9.88
C GLU B 170 -4.59 -1.29 -8.81
N LEU B 171 -5.91 -1.18 -8.82
CA LEU B 171 -6.61 -0.29 -7.90
C LEU B 171 -6.71 -0.94 -6.51
N THR B 172 -6.52 -2.26 -6.42
CA THR B 172 -6.35 -2.98 -5.14
C THR B 172 -5.10 -2.42 -4.48
N VAL B 173 -4.02 -2.37 -5.24
CA VAL B 173 -2.73 -1.82 -4.78
C VAL B 173 -2.91 -0.35 -4.41
N PHE B 174 -3.53 0.41 -5.29
CA PHE B 174 -3.58 1.90 -5.24
C PHE B 174 -4.50 2.37 -4.10
N LEU B 175 -5.74 1.94 -4.10
CA LEU B 175 -6.71 2.37 -3.05
C LEU B 175 -6.24 1.84 -1.68
N THR B 176 -5.71 0.62 -1.60
CA THR B 176 -5.28 0.07 -0.29
C THR B 176 -4.05 0.87 0.18
N SER B 177 -3.15 1.25 -0.72
CA SER B 177 -1.97 2.05 -0.35
C SER B 177 -2.43 3.41 0.20
N LEU B 178 -3.40 4.05 -0.44
CA LEU B 178 -3.93 5.35 0.05
C LEU B 178 -4.54 5.19 1.45
N SER B 179 -5.34 4.14 1.71
CA SER B 179 -5.97 3.89 3.04
C SER B 179 -4.86 3.66 4.08
N ALA B 180 -3.78 3.00 3.68
CA ALA B 180 -2.63 2.72 4.55
C ALA B 180 -1.95 4.03 4.94
N TYR B 181 -1.89 4.99 4.01
CA TYR B 181 -1.30 6.33 4.28
C TYR B 181 -2.19 7.03 5.31
N LEU B 182 -3.51 7.02 5.11
CA LEU B 182 -4.46 7.63 6.08
C LEU B 182 -4.24 7.02 7.46
N GLN B 183 -4.12 5.69 7.50
CA GLN B 183 -3.98 4.86 8.72
C GLN B 183 -2.75 5.31 9.47
N ALA B 184 -1.61 5.41 8.79
CA ALA B 184 -0.31 5.87 9.33
C ALA B 184 -0.41 7.31 9.85
N PHE B 185 -0.99 8.21 9.04
CA PHE B 185 -1.19 9.64 9.38
C PHE B 185 -2.12 9.79 10.60
N ALA B 186 -3.23 9.04 10.63
CA ALA B 186 -4.20 8.96 11.75
C ALA B 186 -3.48 8.60 13.04
N LEU B 187 -2.58 7.61 12.99
CA LEU B 187 -1.91 7.11 14.20
C LEU B 187 -1.01 8.19 14.80
N LEU B 188 -0.19 8.88 13.98
CA LEU B 188 0.66 10.03 14.41
C LEU B 188 -0.25 11.11 14.98
N ALA B 189 -1.30 11.50 14.26
CA ALA B 189 -2.11 12.68 14.63
C ALA B 189 -2.80 12.41 15.98
N ALA B 190 -3.29 11.18 16.17
CA ALA B 190 -4.03 10.77 17.38
C ALA B 190 -3.11 10.89 18.59
N GLU B 191 -1.80 10.67 18.41
CA GLU B 191 -0.79 10.70 19.50
C GLU B 191 -0.14 12.10 19.57
N GLY B 192 -0.71 13.07 18.85
CA GLY B 192 -0.23 14.47 18.78
C GLY B 192 1.05 14.65 17.98
N ALA B 193 1.50 13.69 17.17
CA ALA B 193 2.64 13.95 16.25
C ALA B 193 2.10 14.48 14.92
N ASP B 194 2.99 15.11 14.15
CA ASP B 194 2.62 15.80 12.88
C ASP B 194 2.77 14.81 11.74
N PRO B 195 1.67 14.41 11.06
CA PRO B 195 1.74 13.55 9.87
C PRO B 195 2.72 14.05 8.80
N ALA B 196 2.81 15.38 8.62
CA ALA B 196 3.75 15.99 7.66
C ALA B 196 5.16 15.43 7.88
N ARG B 197 5.50 15.11 9.12
CA ARG B 197 6.86 14.63 9.48
C ARG B 197 7.10 13.21 8.93
N LEU B 198 6.07 12.39 8.71
CA LEU B 198 6.21 10.99 8.21
C LEU B 198 6.45 10.95 6.69
N VAL B 199 5.97 11.96 5.95
CA VAL B 199 5.84 11.90 4.46
C VAL B 199 7.11 11.34 3.81
N PRO B 200 8.31 11.93 3.98
CA PRO B 200 9.49 11.41 3.29
C PRO B 200 9.79 9.96 3.69
N PHE B 201 9.52 9.60 4.95
CA PHE B 201 9.74 8.22 5.44
C PHE B 201 8.68 7.31 4.81
N ALA B 202 7.43 7.78 4.70
CA ALA B 202 6.34 7.01 4.06
C ALA B 202 6.70 6.75 2.58
N ARG B 203 7.18 7.77 1.85
CA ARG B 203 7.67 7.63 0.45
C ARG B 203 8.76 6.55 0.36
N GLU B 204 9.76 6.63 1.24
CA GLU B 204 10.90 5.69 1.22
C GLU B 204 10.39 4.26 1.39
N VAL B 205 9.49 4.03 2.34
CA VAL B 205 9.02 2.65 2.69
C VAL B 205 8.11 2.11 1.57
N SER B 206 7.36 2.96 0.86
CA SER B 206 6.59 2.57 -0.33
C SER B 206 7.55 2.04 -1.41
N GLY B 207 8.64 2.78 -1.62
CA GLY B 207 9.76 2.34 -2.47
C GLY B 207 10.28 0.99 -2.00
N LEU B 208 10.47 0.83 -0.69
CA LEU B 208 11.01 -0.44 -0.13
C LEU B 208 10.02 -1.58 -0.44
N ALA B 209 8.73 -1.40 -0.16
CA ALA B 209 7.69 -2.40 -0.46
C ALA B 209 7.78 -2.83 -1.93
N ALA B 210 7.87 -1.88 -2.84
CA ALA B 210 7.83 -2.14 -4.30
C ALA B 210 9.04 -3.00 -4.70
N SER B 211 10.17 -2.86 -4.02
CA SER B 211 11.40 -3.64 -4.31
C SER B 211 11.20 -5.13 -3.93
N TYR B 212 10.15 -5.46 -3.16
CA TYR B 212 9.80 -6.88 -2.82
C TYR B 212 8.94 -7.52 -3.92
N LEU B 213 8.54 -6.77 -4.95
CA LEU B 213 7.55 -7.32 -5.93
C LEU B 213 8.10 -8.61 -6.55
N ASP B 214 9.34 -8.62 -7.05
CA ASP B 214 9.87 -9.81 -7.77
C ASP B 214 9.97 -11.01 -6.83
N GLU B 215 10.50 -10.86 -5.62
CA GLU B 215 10.57 -11.98 -4.64
C GLU B 215 9.15 -12.49 -4.29
N THR B 216 8.17 -11.59 -4.23
CA THR B 216 6.75 -11.95 -3.97
C THR B 216 6.26 -12.86 -5.10
N VAL B 217 6.50 -12.46 -6.33
CA VAL B 217 6.09 -13.26 -7.52
C VAL B 217 6.76 -14.64 -7.42
N SER B 218 8.07 -14.66 -7.23
CA SER B 218 8.94 -15.87 -7.20
C SER B 218 8.42 -16.84 -6.13
N GLN B 219 8.28 -16.37 -4.89
CA GLN B 219 7.99 -17.26 -3.74
C GLN B 219 6.55 -17.79 -3.85
N THR B 220 5.59 -16.96 -4.27
CA THR B 220 4.15 -17.37 -4.37
C THR B 220 3.98 -18.33 -5.55
N ARG B 221 4.64 -18.10 -6.68
CA ARG B 221 4.60 -19.05 -7.83
C ARG B 221 5.10 -20.43 -7.36
N ALA B 222 6.16 -20.51 -6.57
CA ALA B 222 6.78 -21.76 -6.05
C ALA B 222 6.05 -22.32 -4.81
N ARG B 223 5.20 -21.51 -4.18
CA ARG B 223 4.63 -21.81 -2.84
C ARG B 223 5.79 -22.24 -1.94
N ALA B 224 6.83 -21.42 -1.90
CA ALA B 224 8.06 -21.67 -1.14
C ALA B 224 8.46 -20.37 -0.47
N TYR B 225 8.52 -20.37 0.86
CA TYR B 225 8.48 -19.14 1.69
C TYR B 225 9.57 -19.21 2.75
N PRO B 226 10.87 -19.18 2.36
CA PRO B 226 11.96 -19.21 3.32
C PRO B 226 11.92 -17.98 4.24
N GLY B 227 11.97 -18.22 5.56
CA GLY B 227 11.82 -17.20 6.61
C GLY B 227 13.14 -16.71 7.19
N ASP B 228 14.26 -16.90 6.48
CA ASP B 228 15.62 -16.58 6.98
C ASP B 228 15.79 -15.09 7.30
N LEU B 229 15.10 -14.22 6.56
CA LEU B 229 15.25 -12.75 6.67
C LEU B 229 14.06 -12.09 7.39
N SER B 230 12.91 -12.75 7.46
CA SER B 230 11.68 -12.17 8.04
C SER B 230 10.62 -13.27 8.17
N THR B 231 10.10 -13.54 9.35
CA THR B 231 9.06 -14.58 9.55
C THR B 231 7.68 -13.92 9.56
N ALA B 232 6.65 -14.70 9.23
CA ALA B 232 5.24 -14.29 9.37
C ALA B 232 4.97 -13.99 10.85
N THR B 233 5.63 -14.70 11.78
CA THR B 233 5.49 -14.49 13.23
C THR B 233 5.96 -13.06 13.55
N MET B 234 7.10 -12.66 13.03
CA MET B 234 7.71 -11.33 13.29
C MET B 234 6.85 -10.26 12.63
N ALA B 235 6.53 -10.43 11.35
CA ALA B 235 5.70 -9.44 10.62
C ALA B 235 4.30 -9.44 11.24
N GLY B 236 3.76 -10.60 11.65
CA GLY B 236 2.44 -10.69 12.30
C GLY B 236 2.41 -9.96 13.64
N ALA B 237 3.47 -10.07 14.45
CA ALA B 237 3.60 -9.32 15.72
C ALA B 237 3.45 -7.82 15.43
N THR B 238 4.15 -7.32 14.42
CA THR B 238 4.03 -5.89 14.04
C THR B 238 2.60 -5.62 13.56
N ALA B 239 2.00 -6.50 12.76
CA ALA B 239 0.60 -6.29 12.29
C ALA B 239 -0.32 -6.11 13.50
N GLU B 240 -0.11 -6.92 14.54
CA GLU B 240 -0.84 -6.76 15.82
C GLU B 240 -0.42 -5.46 16.52
N HIS B 241 0.85 -5.07 16.52
CA HIS B 241 1.30 -3.82 17.21
C HIS B 241 0.57 -2.63 16.57
N ILE B 242 0.41 -2.65 15.24
CA ILE B 242 -0.32 -1.56 14.51
C ILE B 242 -1.77 -1.51 15.01
N LEU B 243 -2.46 -2.64 15.06
CA LEU B 243 -3.87 -2.69 15.48
C LEU B 243 -3.94 -2.23 16.94
N GLN B 244 -3.07 -2.73 17.81
CA GLN B 244 -3.04 -2.32 19.24
C GLN B 244 -2.72 -0.82 19.37
N ALA B 245 -1.72 -0.28 18.66
CA ALA B 245 -1.37 1.17 18.67
C ALA B 245 -2.59 1.99 18.25
N CYS B 246 -3.27 1.58 17.16
CA CYS B 246 -4.46 2.30 16.67
C CYS B 246 -5.58 2.21 17.71
N ARG B 247 -5.81 1.03 18.28
CA ARG B 247 -6.85 0.83 19.33
C ARG B 247 -6.57 1.81 20.49
N ASP B 248 -5.33 1.86 20.96
CA ASP B 248 -4.86 2.76 22.05
C ASP B 248 -5.12 4.23 21.68
N ALA B 249 -4.87 4.66 20.44
CA ALA B 249 -4.97 6.08 20.05
C ALA B 249 -6.39 6.46 19.60
N GLY B 250 -7.33 5.52 19.55
CA GLY B 250 -8.72 5.77 19.13
C GLY B 250 -8.88 5.93 17.62
N VAL B 251 -8.02 5.30 16.81
CA VAL B 251 -8.05 5.35 15.33
C VAL B 251 -8.85 4.13 14.85
N ASP B 252 -9.54 4.25 13.71
CA ASP B 252 -10.28 3.10 13.12
C ASP B 252 -9.37 1.88 12.99
N LEU B 253 -9.91 0.69 13.31
CA LEU B 253 -9.14 -0.57 13.32
C LEU B 253 -9.40 -1.39 12.06
N ALA B 254 -10.31 -1.00 11.17
CA ALA B 254 -10.73 -1.91 10.07
C ALA B 254 -9.52 -2.41 9.25
N LEU B 255 -8.70 -1.51 8.70
CA LEU B 255 -7.62 -1.88 7.75
C LEU B 255 -6.52 -2.66 8.48
N PRO B 256 -6.00 -2.20 9.65
CA PRO B 256 -5.05 -3.00 10.41
C PRO B 256 -5.58 -4.38 10.83
N GLU B 257 -6.87 -4.49 11.15
CA GLU B 257 -7.46 -5.81 11.53
C GLU B 257 -7.42 -6.72 10.29
N ALA B 258 -7.72 -6.19 9.10
CA ALA B 258 -7.68 -7.02 7.89
C ALA B 258 -6.28 -7.62 7.74
N VAL B 259 -5.25 -6.78 7.88
CA VAL B 259 -3.84 -7.21 7.68
C VAL B 259 -3.49 -8.20 8.80
N LYS B 260 -3.78 -7.84 10.05
CA LYS B 260 -3.45 -8.71 11.23
C LYS B 260 -4.12 -10.09 11.06
N SER B 261 -5.34 -10.15 10.52
CA SER B 261 -6.06 -11.43 10.35
C SER B 261 -5.37 -12.31 9.29
N GLN B 262 -4.77 -11.75 8.24
CA GLN B 262 -3.98 -12.56 7.28
C GLN B 262 -2.84 -13.25 8.05
N TYR B 263 -2.11 -12.50 8.88
CA TYR B 263 -0.97 -13.04 9.66
C TYR B 263 -1.45 -14.12 10.65
N ASP B 264 -2.53 -13.84 11.39
CA ASP B 264 -3.14 -14.81 12.35
C ASP B 264 -3.42 -16.12 11.61
N ARG B 265 -4.07 -16.04 10.46
CA ARG B 265 -4.52 -17.24 9.74
C ARG B 265 -3.31 -18.01 9.16
N ALA B 266 -2.32 -17.32 8.60
CA ALA B 266 -1.09 -17.94 8.05
C ALA B 266 -0.30 -18.66 9.17
N ILE B 267 -0.17 -18.00 10.32
CA ILE B 267 0.52 -18.56 11.52
C ILE B 267 -0.27 -19.79 12.01
N ALA B 268 -1.61 -19.71 12.10
CA ALA B 268 -2.46 -20.82 12.57
C ALA B 268 -2.39 -21.97 11.56
N ALA B 269 -2.18 -21.72 10.28
CA ALA B 269 -2.05 -22.81 9.27
C ALA B 269 -0.60 -23.34 9.26
N GLY B 270 0.26 -22.88 10.18
CA GLY B 270 1.60 -23.44 10.43
C GLY B 270 2.73 -22.73 9.67
N HIS B 271 2.54 -21.49 9.22
CA HIS B 271 3.57 -20.75 8.42
C HIS B 271 4.32 -19.74 9.29
N GLY B 272 4.28 -19.89 10.62
CA GLY B 272 4.90 -18.93 11.56
C GLY B 272 6.39 -18.71 11.27
N GLY B 273 7.08 -19.71 10.73
CA GLY B 273 8.55 -19.69 10.58
C GLY B 273 8.91 -19.34 9.16
N ASP B 274 7.89 -19.28 8.30
CA ASP B 274 8.01 -18.95 6.87
C ASP B 274 8.07 -17.44 6.67
N ASN B 275 8.40 -17.05 5.45
CA ASN B 275 8.41 -15.64 4.99
C ASN B 275 6.98 -15.10 5.05
N TRP B 276 6.87 -13.79 5.15
CA TRP B 276 5.59 -13.05 5.06
C TRP B 276 4.84 -13.52 3.79
N THR B 277 5.56 -13.93 2.75
CA THR B 277 4.96 -14.34 1.44
C THR B 277 4.02 -15.54 1.57
N SER B 278 4.18 -16.34 2.64
CA SER B 278 3.31 -17.49 2.98
C SER B 278 1.86 -17.06 3.22
N LEU B 279 1.57 -15.77 3.40
CA LEU B 279 0.18 -15.25 3.48
C LEU B 279 -0.56 -15.55 2.19
N TRP B 280 0.17 -15.76 1.09
CA TRP B 280 -0.37 -16.30 -0.19
C TRP B 280 -1.30 -17.50 0.11
N GLU B 281 -0.90 -18.35 1.04
CA GLU B 281 -1.63 -19.60 1.41
C GLU B 281 -3.00 -19.23 1.99
N VAL B 282 -3.16 -18.04 2.58
CA VAL B 282 -4.46 -17.57 3.13
C VAL B 282 -5.16 -16.67 2.10
N VAL B 283 -4.42 -15.90 1.29
CA VAL B 283 -5.05 -14.85 0.44
C VAL B 283 -5.56 -15.47 -0.87
N ALA B 284 -4.78 -16.40 -1.45
CA ALA B 284 -5.07 -17.01 -2.77
C ALA B 284 -6.11 -18.12 -2.61
PA NAP C . 12.42 -12.15 14.93
O1A NAP C . 12.04 -13.32 14.06
O2A NAP C . 11.52 -11.06 15.54
O5B NAP C . 13.26 -12.76 16.16
C5B NAP C . 13.98 -11.86 16.97
C4B NAP C . 14.58 -12.54 18.20
O4B NAP C . 13.59 -12.51 19.18
C3B NAP C . 14.98 -14.00 18.08
O3B NAP C . 16.32 -14.11 18.58
C2B NAP C . 13.98 -14.77 18.93
O2B NAP C . 14.57 -15.86 19.62
C1B NAP C . 13.66 -13.72 19.94
N9A NAP C . 12.43 -13.87 20.73
C8A NAP C . 11.16 -13.68 20.30
N7A NAP C . 10.31 -13.85 21.34
C5A NAP C . 11.06 -14.12 22.42
C6A NAP C . 10.79 -14.39 23.83
N6A NAP C . 9.49 -14.39 24.20
N1A NAP C . 11.84 -14.61 24.66
C2A NAP C . 13.12 -14.61 24.23
N3A NAP C . 13.45 -14.38 22.95
C4A NAP C . 12.46 -14.11 22.03
O3 NAP C . 13.69 -11.47 14.21
PN NAP C . 13.96 -10.14 13.27
O1N NAP C . 13.25 -10.38 11.96
O2N NAP C . 15.46 -10.01 13.30
O5D NAP C . 13.25 -8.99 14.11
C5D NAP C . 13.72 -8.44 15.34
C4D NAP C . 12.97 -7.12 15.57
O4D NAP C . 13.32 -6.19 14.51
C3D NAP C . 11.46 -7.26 15.54
O3D NAP C . 10.86 -6.44 16.54
C2D NAP C . 11.04 -6.76 14.13
O2D NAP C . 9.76 -6.16 14.05
C1D NAP C . 12.15 -5.75 13.78
N1N NAP C . 12.55 -5.62 12.38
C2N NAP C . 12.67 -6.64 11.54
C3N NAP C . 13.15 -6.41 10.24
C7N NAP C . 13.32 -7.48 9.26
O7N NAP C . 13.50 -7.10 8.10
N7N NAP C . 13.35 -8.76 9.63
C4N NAP C . 13.42 -5.11 9.77
C5N NAP C . 13.29 -4.10 10.67
C6N NAP C . 12.86 -4.38 11.96
P2B NAP C . 14.93 -17.22 18.82
O1X NAP C . 16.17 -16.82 18.09
O2X NAP C . 15.16 -18.16 19.99
O3X NAP C . 13.84 -17.71 17.86
CAO A1ECB D . 12.03 -1.93 8.26
CAN A1ECB D . 11.30 -2.85 7.34
CAP A1ECB D . 12.20 -3.27 6.21
CAQ A1ECB D . 10.19 -1.95 6.83
CAJ A1ECB D . 10.89 -4.06 8.04
NAK A1ECB D . 10.68 -4.06 9.35
CAL A1ECB D . 10.20 -5.35 9.90
CAM A1ECB D . 8.98 -5.68 9.18
CAI A1ECB D . 9.57 -5.95 8.04
CAH A1ECB D . 10.51 -5.18 7.46
NAG A1ECB D . 10.88 -5.79 6.35
CAD A1ECB D . 10.13 -6.88 6.23
CAE A1ECB D . 9.31 -6.98 7.28
CAF A1ECB D . 8.40 -7.94 7.46
CAA A1ECB D . 8.33 -8.87 6.48
CAB A1ECB D . 9.20 -8.77 5.41
CAC A1ECB D . 10.10 -7.75 5.28
PA NAP E . -17.03 9.73 -11.85
O1A NAP E . -17.28 10.65 -10.64
O2A NAP E . -17.15 8.24 -11.85
O5B NAP E . -18.17 10.16 -12.92
C5B NAP E . -18.05 9.77 -14.27
C4B NAP E . -19.36 10.00 -15.04
O4B NAP E . -20.30 9.02 -14.65
C3B NAP E . -20.05 11.34 -14.82
O3B NAP E . -20.17 11.92 -16.14
C2B NAP E . -21.39 11.00 -14.17
O2B NAP E . -22.45 11.82 -14.59
C1B NAP E . -21.57 9.62 -14.75
N9A NAP E . -22.53 8.68 -14.15
C8A NAP E . -22.37 7.94 -13.04
N7A NAP E . -23.46 7.15 -12.85
C5A NAP E . -24.30 7.40 -13.84
C6A NAP E . -25.61 6.92 -14.23
N6A NAP E . -26.20 6.00 -13.46
N1A NAP E . -26.19 7.41 -15.34
C2A NAP E . -25.56 8.32 -16.09
N3A NAP E . -24.36 8.83 -15.79
C4A NAP E . -23.70 8.39 -14.71
O3 NAP E . -15.81 10.36 -12.69
PN NAP E . -14.30 9.99 -12.93
O1N NAP E . -13.82 10.79 -14.16
O2N NAP E . -13.43 10.23 -11.73
O5D NAP E . -14.37 8.46 -13.30
C5D NAP E . -14.74 7.95 -14.55
C4D NAP E . -14.37 6.47 -14.62
O4D NAP E . -12.96 6.37 -14.72
C3D NAP E . -14.67 5.65 -13.35
O3D NAP E . -15.02 4.31 -13.74
C2D NAP E . -13.39 5.64 -12.52
O2D NAP E . -13.28 4.52 -11.65
C1D NAP E . -12.34 5.66 -13.62
N1N NAP E . -11.06 6.35 -13.32
C2N NAP E . -10.99 7.45 -12.56
C3N NAP E . -9.74 8.07 -12.38
C7N NAP E . -9.57 9.30 -11.55
O7N NAP E . -8.43 9.60 -11.24
N7N NAP E . -10.62 10.06 -11.18
C4N NAP E . -8.59 7.50 -12.95
C5N NAP E . -8.73 6.35 -13.72
C6N NAP E . -9.96 5.81 -13.88
P2B NAP E . -22.73 13.24 -13.90
O1X NAP E . -21.61 14.13 -14.40
O2X NAP E . -24.12 13.50 -14.44
O3X NAP E . -22.71 13.03 -12.42
CAO A1ECB F . -5.92 5.28 -12.40
CAN A1ECB F . -5.82 5.73 -11.00
CAP A1ECB F . -5.15 7.07 -10.97
CAQ A1ECB F . -4.95 4.64 -10.30
CAJ A1ECB F . -7.13 5.94 -10.50
NAK A1ECB F . -8.10 5.21 -11.02
CAL A1ECB F . -9.41 5.53 -10.46
CAM A1ECB F . -9.38 5.51 -9.00
CAI A1ECB F . -8.54 6.50 -8.73
CAH A1ECB F . -7.44 6.73 -9.46
NAG A1ECB F . -6.84 7.75 -8.89
CAD A1ECB F . -7.53 8.14 -7.84
CAE A1ECB F . -8.58 7.33 -7.71
CAF A1ECB F . -9.47 7.46 -6.72
CAA A1ECB F . -9.29 8.46 -5.80
CAB A1ECB F . -8.17 9.24 -5.94
CAC A1ECB F . -7.29 9.09 -6.98
#